data_7AW3
#
_entry.id   7AW3
#
_cell.length_a   91.600
_cell.length_b   91.900
_cell.length_c   71.660
_cell.angle_alpha   90.000
_cell.angle_beta   90.000
_cell.angle_gamma   90.000
#
_symmetry.space_group_name_H-M   'C 2 2 21'
#
loop_
_entity.id
_entity.type
_entity.pdbx_description
1 polymer 'Tyrosine-protein kinase Mer'
2 non-polymer 2-(1-((5-chloro-1H-pyrrolo[2,3-b]pyridine-3-carboxamido)methyl)-2-azabicyclo[2.1.1]hexan-2-yl)-N-methyl-4-(trifluoromethyl)thiazole-5-carboxamide
3 water water
#
_entity_poly.entity_id   1
_entity_poly.type   'polypeptide(L)'
_entity_poly.pdbx_seq_one_letter_code
;GSHMEELQNKLEDVVIDRNLLILGRILGEGEFGSVMEGNLKQEDGTSLKVAVKTMKLDNSSQREIEEFLSEAACMKDFSH
PNVIRLLGVCIEMSSQGIPKPMVILPFMKYGDLHTYLLYSRLETGPRHIPLQTLLRFMVDIALGMEYLSNRNFLHRDLAA
RNCMLRDDMTVCVADFGLSKKIYSGDYYRQGRIAKMPVKWIAIESLADRVYTSKSDVWAFGVTMWEIATRGMTPYPGVQN
HEMYDYLLHGHRLKQPEDCLDELYEIMYSCWRTDPLDRPTFSVLRLQLERLLESLPDV
;
_entity_poly.pdbx_strand_id   A
#
loop_
_chem_comp.id
_chem_comp.type
_chem_comp.name
_chem_comp.formula
S4Z non-polymer 2-(1-((5-chloro-1H-pyrrolo[2,3-b]pyridine-3-carboxamido)methyl)-2-azabicyclo[2.1.1]hexan-2-yl)-N-methyl-4-(trifluoromethyl)thiazole-5-carboxamide 'C20 H18 Cl F3 N6 O2 S'
#
# COMPACT_ATOMS: atom_id res chain seq x y z
N SER A 2 3.81 -24.30 -18.53
CA SER A 2 4.12 -24.90 -17.24
C SER A 2 4.47 -23.83 -16.21
N HIS A 3 3.95 -23.99 -14.98
CA HIS A 3 4.15 -23.07 -13.86
C HIS A 3 5.62 -22.78 -13.59
N MET A 4 6.48 -23.81 -13.69
CA MET A 4 7.91 -23.68 -13.48
C MET A 4 8.58 -22.76 -14.53
N GLU A 5 8.35 -23.01 -15.83
CA GLU A 5 8.94 -22.22 -16.91
C GLU A 5 8.51 -20.75 -16.83
N GLU A 6 7.24 -20.50 -16.43
CA GLU A 6 6.67 -19.17 -16.20
C GLU A 6 7.38 -18.46 -15.04
N LEU A 7 7.82 -19.21 -14.01
CA LEU A 7 8.55 -18.63 -12.87
C LEU A 7 9.99 -18.33 -13.29
N GLN A 8 10.59 -19.25 -14.09
CA GLN A 8 11.94 -19.05 -14.62
C GLN A 8 12.04 -17.76 -15.47
N ASN A 9 10.98 -17.46 -16.27
CA ASN A 9 10.91 -16.27 -17.13
C ASN A 9 10.86 -15.02 -16.26
N LYS A 10 9.89 -14.99 -15.32
CA LYS A 10 9.69 -13.90 -14.36
C LYS A 10 10.98 -13.56 -13.61
N LEU A 11 11.83 -14.59 -13.31
CA LEU A 11 13.11 -14.40 -12.62
C LEU A 11 14.12 -13.70 -13.49
N GLU A 12 14.20 -14.12 -14.79
CA GLU A 12 15.08 -13.53 -15.79
C GLU A 12 14.71 -12.06 -15.98
N ASP A 13 13.40 -11.74 -16.04
CA ASP A 13 12.87 -10.38 -16.21
C ASP A 13 13.10 -9.41 -15.03
N VAL A 14 13.11 -9.90 -13.78
CA VAL A 14 13.18 -9.03 -12.62
C VAL A 14 14.60 -8.50 -12.26
N VAL A 15 15.68 -9.20 -12.58
CA VAL A 15 17.00 -8.75 -12.14
C VAL A 15 17.56 -7.61 -13.02
N ILE A 16 18.05 -6.53 -12.35
CA ILE A 16 18.68 -5.38 -13.00
C ILE A 16 20.17 -5.48 -12.71
N ASP A 17 21.01 -5.33 -13.75
CA ASP A 17 22.47 -5.27 -13.62
C ASP A 17 22.83 -4.05 -12.76
N ARG A 18 23.69 -4.26 -11.74
CA ARG A 18 24.15 -3.20 -10.82
C ARG A 18 24.81 -2.01 -11.54
N ASN A 19 25.43 -2.24 -12.70
CA ASN A 19 26.07 -1.18 -13.47
C ASN A 19 25.06 -0.19 -14.08
N LEU A 20 23.78 -0.56 -14.16
CA LEU A 20 22.73 0.30 -14.73
C LEU A 20 22.13 1.22 -13.69
N LEU A 21 22.53 1.06 -12.42
CA LEU A 21 22.00 1.84 -11.31
C LEU A 21 23.07 2.68 -10.60
N ILE A 22 22.69 3.90 -10.20
CA ILE A 22 23.51 4.82 -9.42
C ILE A 22 22.68 5.16 -8.21
N LEU A 23 23.28 5.06 -7.01
CA LEU A 23 22.62 5.37 -5.74
C LEU A 23 22.89 6.79 -5.31
N GLY A 24 21.89 7.44 -4.74
CA GLY A 24 21.97 8.83 -4.33
C GLY A 24 21.82 9.01 -2.84
N ARG A 25 21.07 10.04 -2.44
CA ARG A 25 20.91 10.34 -1.02
C ARG A 25 19.88 9.46 -0.36
N ILE A 26 20.03 9.27 0.95
CA ILE A 26 19.05 8.51 1.74
C ILE A 26 17.78 9.38 1.87
N LEU A 27 16.64 8.83 1.51
CA LEU A 27 15.33 9.50 1.62
C LEU A 27 14.67 9.18 2.98
N GLY A 28 14.91 7.98 3.49
CA GLY A 28 14.34 7.45 4.72
C GLY A 28 15.14 6.25 5.21
N GLU A 29 15.13 6.02 6.51
CA GLU A 29 15.91 4.93 7.10
C GLU A 29 15.20 4.35 8.30
N GLY A 30 14.82 3.08 8.20
CA GLY A 30 14.14 2.35 9.27
C GLY A 30 15.01 1.25 9.87
N GLU A 31 14.36 0.28 10.54
CA GLU A 31 15.03 -0.87 11.15
C GLU A 31 15.18 -1.99 10.11
N PHE A 32 14.13 -2.20 9.30
CA PHE A 32 14.09 -3.22 8.26
C PHE A 32 14.89 -2.83 7.02
N GLY A 33 15.28 -1.56 6.93
CA GLY A 33 16.06 -1.09 5.79
C GLY A 33 16.03 0.41 5.51
N SER A 34 16.44 0.79 4.30
CA SER A 34 16.56 2.20 3.89
C SER A 34 15.97 2.44 2.51
N VAL A 35 15.61 3.70 2.22
CA VAL A 35 15.11 4.11 0.91
C VAL A 35 16.05 5.23 0.46
N MET A 36 16.61 5.09 -0.74
CA MET A 36 17.54 6.06 -1.31
C MET A 36 17.03 6.49 -2.68
N GLU A 37 17.40 7.70 -3.11
CA GLU A 37 17.08 8.11 -4.47
C GLU A 37 18.11 7.43 -5.37
N GLY A 38 17.76 7.24 -6.63
CA GLY A 38 18.70 6.64 -7.56
C GLY A 38 18.39 7.00 -8.99
N ASN A 39 19.26 6.57 -9.90
CA ASN A 39 19.14 6.74 -11.34
C ASN A 39 19.21 5.37 -11.95
N LEU A 40 18.24 5.04 -12.81
CA LEU A 40 18.26 3.77 -13.53
C LEU A 40 18.50 4.06 -15.01
N LYS A 41 19.51 3.43 -15.61
CA LYS A 41 19.80 3.58 -17.03
C LYS A 41 18.81 2.66 -17.77
N GLN A 42 17.95 3.25 -18.62
CA GLN A 42 16.93 2.48 -19.32
C GLN A 42 17.40 1.96 -20.68
N GLU A 43 16.63 1.02 -21.25
CA GLU A 43 16.87 0.41 -22.57
C GLU A 43 17.03 1.47 -23.68
N ASP A 44 16.27 2.60 -23.58
CA ASP A 44 16.33 3.73 -24.52
C ASP A 44 17.57 4.64 -24.35
N GLY A 45 18.54 4.22 -23.53
CA GLY A 45 19.78 4.96 -23.29
C GLY A 45 19.70 6.16 -22.36
N THR A 46 18.50 6.49 -21.85
CA THR A 46 18.32 7.62 -20.92
C THR A 46 18.14 7.12 -19.48
N SER A 47 18.50 7.96 -18.49
CA SER A 47 18.34 7.60 -17.07
C SER A 47 17.01 8.09 -16.54
N LEU A 48 16.43 7.34 -15.59
CA LEU A 48 15.17 7.67 -14.95
C LEU A 48 15.39 7.82 -13.45
N LYS A 49 14.83 8.86 -12.81
CA LYS A 49 14.92 8.96 -11.37
C LYS A 49 14.11 7.84 -10.74
N VAL A 50 14.71 7.06 -9.83
CA VAL A 50 14.03 5.96 -9.14
C VAL A 50 14.20 6.05 -7.61
N ALA A 51 13.41 5.26 -6.84
CA ALA A 51 13.56 5.08 -5.40
C ALA A 51 14.09 3.68 -5.24
N VAL A 52 15.13 3.50 -4.41
CA VAL A 52 15.79 2.20 -4.21
C VAL A 52 15.61 1.81 -2.73
N LYS A 53 14.91 0.70 -2.48
CA LYS A 53 14.69 0.23 -1.11
C LYS A 53 15.66 -0.91 -0.82
N THR A 54 16.39 -0.83 0.30
CA THR A 54 17.39 -1.85 0.66
C THR A 54 17.02 -2.55 1.98
N MET A 55 17.01 -3.91 1.98
CA MET A 55 16.68 -4.77 3.13
C MET A 55 17.95 -5.12 3.90
N GLN A 62 20.71 -18.37 1.32
CA GLN A 62 20.28 -18.67 -0.05
C GLN A 62 18.76 -18.73 -0.16
N ARG A 63 18.09 -19.43 0.80
CA ARG A 63 16.62 -19.58 0.85
C ARG A 63 15.90 -18.22 0.85
N GLU A 64 16.29 -17.30 1.77
CA GLU A 64 15.67 -15.98 1.89
C GLU A 64 15.91 -15.12 0.65
N ILE A 65 17.12 -15.21 0.05
CA ILE A 65 17.53 -14.56 -1.21
C ILE A 65 16.64 -15.05 -2.36
N GLU A 66 16.47 -16.40 -2.49
CA GLU A 66 15.64 -17.02 -3.52
C GLU A 66 14.17 -16.65 -3.31
N GLU A 67 13.74 -16.58 -2.04
CA GLU A 67 12.37 -16.24 -1.66
C GLU A 67 12.08 -14.78 -2.03
N PHE A 68 13.08 -13.88 -1.81
CA PHE A 68 12.99 -12.45 -2.14
C PHE A 68 12.84 -12.32 -3.66
N LEU A 69 13.71 -13.02 -4.41
CA LEU A 69 13.74 -13.03 -5.88
C LEU A 69 12.43 -13.56 -6.45
N SER A 70 11.94 -14.71 -5.94
CA SER A 70 10.67 -15.32 -6.37
C SER A 70 9.49 -14.35 -6.16
N GLU A 71 9.42 -13.71 -4.96
CA GLU A 71 8.37 -12.75 -4.62
C GLU A 71 8.47 -11.51 -5.54
N ALA A 72 9.70 -11.00 -5.75
CA ALA A 72 9.95 -9.86 -6.64
C ALA A 72 9.51 -10.19 -8.08
N ALA A 73 9.86 -11.38 -8.55
CA ALA A 73 9.46 -11.88 -9.88
C ALA A 73 7.91 -11.81 -10.08
N CYS A 74 7.13 -12.13 -9.02
CA CYS A 74 5.68 -12.05 -9.01
C CYS A 74 5.17 -10.62 -9.10
N MET A 75 5.67 -9.73 -8.22
CA MET A 75 5.31 -8.31 -8.14
C MET A 75 5.63 -7.57 -9.43
N LYS A 76 6.81 -7.84 -10.03
CA LYS A 76 7.23 -7.23 -11.29
C LYS A 76 6.17 -7.51 -12.37
N ASP A 77 5.57 -8.71 -12.32
CA ASP A 77 4.53 -9.14 -13.25
C ASP A 77 3.20 -8.36 -13.12
N PHE A 78 2.92 -7.77 -11.93
CA PHE A 78 1.71 -6.96 -11.73
C PHE A 78 1.65 -5.79 -12.70
N SER A 79 0.50 -5.53 -13.27
CA SER A 79 0.34 -4.47 -14.25
C SER A 79 -1.04 -3.82 -14.08
N HIS A 80 -1.09 -2.79 -13.24
CA HIS A 80 -2.29 -2.04 -12.95
C HIS A 80 -1.90 -0.61 -12.55
N PRO A 81 -2.61 0.42 -13.07
CA PRO A 81 -2.24 1.81 -12.74
C PRO A 81 -2.33 2.14 -11.26
N ASN A 82 -3.11 1.36 -10.44
CA ASN A 82 -3.24 1.68 -9.01
C ASN A 82 -2.40 0.72 -8.16
N VAL A 83 -1.42 0.04 -8.79
CA VAL A 83 -0.50 -0.84 -8.08
C VAL A 83 0.90 -0.33 -8.45
N ILE A 84 1.78 -0.07 -7.45
CA ILE A 84 3.14 0.43 -7.73
C ILE A 84 3.87 -0.58 -8.63
N ARG A 85 4.62 -0.09 -9.60
CA ARG A 85 5.36 -0.95 -10.54
C ARG A 85 6.69 -1.28 -9.91
N LEU A 86 7.07 -2.56 -9.91
CA LEU A 86 8.40 -2.90 -9.44
C LEU A 86 9.27 -2.94 -10.73
N LEU A 87 10.25 -2.01 -10.85
CA LEU A 87 11.11 -1.95 -12.05
C LEU A 87 12.16 -3.06 -12.04
N GLY A 88 12.56 -3.53 -10.86
CA GLY A 88 13.49 -4.65 -10.80
C GLY A 88 14.20 -4.75 -9.47
N VAL A 89 15.14 -5.70 -9.38
CA VAL A 89 15.89 -5.93 -8.13
C VAL A 89 17.37 -6.13 -8.45
N CYS A 90 18.27 -5.78 -7.52
CA CYS A 90 19.74 -6.00 -7.55
C CYS A 90 20.09 -6.68 -6.26
N ILE A 91 21.07 -7.58 -6.28
CA ILE A 91 21.54 -8.19 -5.05
C ILE A 91 23.01 -7.80 -4.88
N GLU A 92 23.26 -6.91 -3.91
CA GLU A 92 24.60 -6.42 -3.57
C GLU A 92 25.04 -7.16 -2.30
N MET A 93 26.34 -7.38 -2.11
CA MET A 93 26.82 -8.08 -0.90
C MET A 93 27.55 -7.14 0.04
N SER A 94 27.20 -7.16 1.35
CA SER A 94 27.86 -6.33 2.36
C SER A 94 29.28 -6.83 2.63
N SER A 95 30.14 -5.96 3.22
CA SER A 95 31.53 -6.26 3.59
C SER A 95 31.66 -7.49 4.53
N GLN A 96 30.57 -7.78 5.28
CA GLN A 96 30.43 -8.89 6.23
C GLN A 96 29.91 -10.18 5.54
N GLY A 97 29.73 -10.14 4.21
CA GLY A 97 29.22 -11.24 3.42
C GLY A 97 27.73 -11.47 3.63
N ILE A 98 27.02 -10.42 4.07
CA ILE A 98 25.58 -10.45 4.32
C ILE A 98 24.86 -9.89 3.08
N PRO A 99 23.93 -10.66 2.47
CA PRO A 99 23.25 -10.17 1.26
C PRO A 99 22.39 -8.93 1.51
N LYS A 100 22.50 -7.97 0.59
CA LYS A 100 21.78 -6.71 0.64
C LYS A 100 20.90 -6.62 -0.60
N PRO A 101 19.66 -7.16 -0.53
CA PRO A 101 18.78 -7.09 -1.71
C PRO A 101 18.23 -5.68 -1.87
N MET A 102 18.16 -5.20 -3.13
CA MET A 102 17.67 -3.84 -3.39
C MET A 102 16.47 -3.93 -4.31
N VAL A 103 15.42 -3.18 -4.05
CA VAL A 103 14.24 -3.17 -4.92
C VAL A 103 14.13 -1.77 -5.56
N ILE A 104 13.93 -1.73 -6.89
CA ILE A 104 13.87 -0.51 -7.69
C ILE A 104 12.44 -0.14 -8.04
N LEU A 105 12.01 1.08 -7.66
CA LEU A 105 10.63 1.53 -7.87
C LEU A 105 10.58 2.88 -8.52
N PRO A 106 9.48 3.31 -9.18
CA PRO A 106 9.44 4.68 -9.73
C PRO A 106 9.51 5.67 -8.57
N PHE A 107 10.11 6.85 -8.81
CA PHE A 107 10.21 7.88 -7.80
C PHE A 107 8.95 8.71 -7.83
N MET A 108 8.32 8.88 -6.66
CA MET A 108 7.08 9.61 -6.46
C MET A 108 7.38 10.90 -5.73
N LYS A 109 7.49 12.03 -6.46
CA LYS A 109 7.80 13.34 -5.87
C LYS A 109 6.78 13.76 -4.78
N TYR A 110 5.48 13.36 -4.94
CA TYR A 110 4.44 13.70 -3.95
C TYR A 110 4.48 12.87 -2.67
N GLY A 111 5.26 11.78 -2.66
CA GLY A 111 5.42 10.90 -1.51
C GLY A 111 4.23 10.02 -1.19
N ASP A 112 4.16 9.59 0.07
CA ASP A 112 3.10 8.72 0.56
C ASP A 112 1.84 9.51 0.84
N LEU A 113 0.72 8.82 0.79
CA LEU A 113 -0.57 9.44 0.98
C LEU A 113 -0.78 9.98 2.40
N HIS A 114 -0.26 9.28 3.41
CA HIS A 114 -0.47 9.73 4.80
C HIS A 114 0.17 11.10 5.04
N THR A 115 1.42 11.25 4.62
CA THR A 115 2.16 12.51 4.75
C THR A 115 1.48 13.63 3.95
N TYR A 116 1.04 13.33 2.72
CA TYR A 116 0.33 14.30 1.87
C TYR A 116 -0.89 14.85 2.59
N LEU A 117 -1.66 13.96 3.23
CA LEU A 117 -2.86 14.31 3.97
C LEU A 117 -2.55 15.25 5.10
N LEU A 118 -1.52 14.91 5.90
CA LEU A 118 -1.09 15.74 7.01
C LEU A 118 -0.60 17.10 6.50
N TYR A 119 0.17 17.14 5.39
CA TYR A 119 0.70 18.40 4.85
C TYR A 119 -0.42 19.33 4.39
N SER A 120 -1.54 18.75 3.93
CA SER A 120 -2.70 19.51 3.43
C SER A 120 -3.31 20.35 4.51
N ARG A 121 -3.02 20.01 5.78
CA ARG A 121 -3.53 20.76 6.93
C ARG A 121 -2.56 21.85 7.39
N LEU A 122 -1.42 22.01 6.67
CA LEU A 122 -0.39 23.02 6.94
C LEU A 122 -0.40 24.05 5.79
N GLU A 123 -0.01 25.29 6.07
CA GLU A 123 -0.06 26.41 5.12
C GLU A 123 0.70 26.25 3.83
N THR A 124 1.97 25.76 3.86
CA THR A 124 2.80 25.61 2.64
C THR A 124 2.56 24.27 1.94
N GLY A 125 1.86 23.36 2.61
CA GLY A 125 1.50 22.06 2.06
C GLY A 125 0.42 22.19 1.00
N PRO A 126 0.00 21.09 0.34
CA PRO A 126 -1.06 21.19 -0.68
C PRO A 126 -2.32 21.85 -0.12
N ARG A 127 -3.16 22.43 -0.98
CA ARG A 127 -4.39 23.08 -0.54
C ARG A 127 -5.37 22.09 0.14
N HIS A 128 -6.35 22.61 0.92
CA HIS A 128 -7.40 21.78 1.53
C HIS A 128 -7.92 20.78 0.48
N ILE A 129 -7.88 19.49 0.79
CA ILE A 129 -8.32 18.47 -0.17
C ILE A 129 -9.84 18.38 -0.17
N PRO A 130 -10.54 18.62 -1.31
CA PRO A 130 -12.01 18.52 -1.30
C PRO A 130 -12.49 17.08 -1.06
N LEU A 131 -13.74 16.91 -0.54
CA LEU A 131 -14.36 15.59 -0.29
C LEU A 131 -14.26 14.70 -1.53
N GLN A 132 -14.56 15.27 -2.71
CA GLN A 132 -14.54 14.61 -4.02
C GLN A 132 -13.18 13.98 -4.32
N THR A 133 -12.06 14.67 -3.96
CA THR A 133 -10.69 14.19 -4.16
C THR A 133 -10.36 13.10 -3.12
N LEU A 134 -10.85 13.24 -1.88
CA LEU A 134 -10.64 12.24 -0.83
C LEU A 134 -11.31 10.92 -1.22
N LEU A 135 -12.50 11.01 -1.84
CA LEU A 135 -13.23 9.86 -2.34
C LEU A 135 -12.50 9.22 -3.55
N ARG A 136 -11.96 10.05 -4.46
CA ARG A 136 -11.20 9.60 -5.62
C ARG A 136 -9.95 8.78 -5.18
N PHE A 137 -9.28 9.18 -4.06
CA PHE A 137 -8.14 8.43 -3.48
C PHE A 137 -8.62 7.03 -3.04
N MET A 138 -9.83 6.96 -2.44
CA MET A 138 -10.42 5.71 -1.96
C MET A 138 -10.73 4.80 -3.10
N VAL A 139 -11.31 5.34 -4.22
CA VAL A 139 -11.60 4.56 -5.43
C VAL A 139 -10.29 3.96 -5.97
N ASP A 140 -9.22 4.78 -6.05
CA ASP A 140 -7.90 4.35 -6.57
C ASP A 140 -7.33 3.17 -5.83
N ILE A 141 -7.35 3.19 -4.49
CA ILE A 141 -6.85 2.11 -3.61
C ILE A 141 -7.73 0.88 -3.78
N ALA A 142 -9.08 1.06 -3.83
CA ALA A 142 -10.00 -0.09 -4.04
C ALA A 142 -9.69 -0.76 -5.38
N LEU A 143 -9.36 0.02 -6.43
CA LEU A 143 -9.04 -0.53 -7.76
C LEU A 143 -7.76 -1.34 -7.70
N GLY A 144 -6.76 -0.85 -6.98
CA GLY A 144 -5.49 -1.56 -6.82
C GLY A 144 -5.68 -2.85 -6.05
N MET A 145 -6.48 -2.80 -4.94
CA MET A 145 -6.80 -3.95 -4.13
C MET A 145 -7.63 -4.99 -4.88
N GLU A 146 -8.63 -4.55 -5.67
CA GLU A 146 -9.43 -5.43 -6.53
C GLU A 146 -8.49 -6.20 -7.46
N TYR A 147 -7.51 -5.50 -8.10
CA TYR A 147 -6.53 -6.15 -9.00
C TYR A 147 -5.75 -7.25 -8.23
N LEU A 148 -5.20 -6.91 -7.06
CA LEU A 148 -4.44 -7.88 -6.25
C LEU A 148 -5.29 -9.04 -5.77
N SER A 149 -6.49 -8.77 -5.23
CA SER A 149 -7.39 -9.83 -4.75
C SER A 149 -7.82 -10.76 -5.87
N ASN A 150 -8.04 -10.25 -7.10
CA ASN A 150 -8.40 -11.07 -8.25
C ASN A 150 -7.27 -12.04 -8.62
N ARG A 151 -6.00 -11.63 -8.36
CA ARG A 151 -4.79 -12.42 -8.60
C ARG A 151 -4.44 -13.20 -7.31
N ASN A 152 -5.36 -13.22 -6.33
CA ASN A 152 -5.22 -13.89 -5.02
C ASN A 152 -3.88 -13.57 -4.33
N PHE A 153 -3.48 -12.32 -4.43
CA PHE A 153 -2.25 -11.84 -3.80
C PHE A 153 -2.68 -11.00 -2.60
N LEU A 154 -2.20 -11.38 -1.40
CA LEU A 154 -2.51 -10.65 -0.17
C LEU A 154 -1.51 -9.51 0.06
N HIS A 155 -2.03 -8.32 0.42
CA HIS A 155 -1.19 -7.15 0.69
C HIS A 155 -0.53 -7.31 2.07
N ARG A 156 -1.36 -7.50 3.13
CA ARG A 156 -0.99 -7.73 4.54
C ARG A 156 -0.57 -6.47 5.33
N ASP A 157 -0.26 -5.34 4.68
CA ASP A 157 0.11 -4.12 5.42
C ASP A 157 -0.54 -2.89 4.78
N LEU A 158 -1.85 -2.96 4.49
CA LEU A 158 -2.54 -1.85 3.87
C LEU A 158 -2.84 -0.79 4.92
N ALA A 159 -2.41 0.44 4.64
CA ALA A 159 -2.56 1.63 5.48
C ALA A 159 -2.30 2.81 4.57
N ALA A 160 -2.78 4.02 4.95
CA ALA A 160 -2.53 5.23 4.11
C ALA A 160 -1.04 5.50 3.91
N ARG A 161 -0.19 5.13 4.89
CA ARG A 161 1.28 5.36 4.79
C ARG A 161 1.93 4.51 3.67
N ASN A 162 1.31 3.37 3.33
CA ASN A 162 1.76 2.42 2.30
C ASN A 162 1.14 2.66 0.91
N CYS A 163 0.46 3.78 0.73
CA CYS A 163 -0.13 4.18 -0.54
C CYS A 163 0.68 5.35 -1.06
N MET A 164 1.04 5.34 -2.32
CA MET A 164 1.90 6.38 -2.88
C MET A 164 1.10 7.24 -3.83
N LEU A 165 1.41 8.51 -3.96
CA LEU A 165 0.76 9.40 -4.93
C LEU A 165 1.67 9.62 -6.14
N ARG A 166 1.17 9.31 -7.33
CA ARG A 166 1.89 9.51 -8.59
C ARG A 166 1.81 10.99 -8.97
N ASP A 167 2.53 11.43 -10.03
CA ASP A 167 2.56 12.85 -10.45
C ASP A 167 1.22 13.40 -10.94
N ASP A 168 0.36 12.53 -11.52
CA ASP A 168 -0.96 12.91 -12.02
C ASP A 168 -2.02 12.81 -10.90
N MET A 169 -1.58 12.72 -9.63
CA MET A 169 -2.40 12.58 -8.40
C MET A 169 -3.12 11.21 -8.29
N THR A 170 -2.70 10.21 -9.06
CA THR A 170 -3.26 8.85 -8.98
C THR A 170 -2.63 8.20 -7.75
N VAL A 171 -3.41 7.46 -6.96
CA VAL A 171 -2.87 6.75 -5.80
C VAL A 171 -2.56 5.33 -6.24
N CYS A 172 -1.47 4.77 -5.74
CA CYS A 172 -1.20 3.37 -6.02
C CYS A 172 -0.84 2.68 -4.75
N VAL A 173 -1.22 1.41 -4.61
CA VAL A 173 -0.88 0.59 -3.45
C VAL A 173 0.61 0.17 -3.56
N ALA A 174 1.31 0.17 -2.44
CA ALA A 174 2.75 -0.15 -2.36
C ALA A 174 3.05 -0.96 -1.09
N ASP A 175 4.32 -1.41 -0.91
CA ASP A 175 4.78 -2.17 0.28
C ASP A 175 3.97 -3.47 0.62
N PHE A 176 3.74 -4.30 -0.38
CA PHE A 176 3.00 -5.55 -0.14
C PHE A 176 3.91 -6.79 -0.12
N PRO A 197 1.47 -2.91 13.59
CA PRO A 197 0.37 -2.14 12.98
C PRO A 197 -0.99 -2.66 13.48
N VAL A 198 -1.08 -2.90 14.81
CA VAL A 198 -2.23 -3.45 15.53
C VAL A 198 -3.58 -2.81 15.16
N LYS A 199 -3.61 -1.47 14.97
CA LYS A 199 -4.82 -0.71 14.65
C LYS A 199 -5.35 -0.91 13.21
N TRP A 200 -4.61 -1.66 12.39
CA TRP A 200 -5.04 -1.98 11.02
C TRP A 200 -5.44 -3.46 10.85
N ILE A 201 -5.15 -4.27 11.86
CA ILE A 201 -5.34 -5.74 11.83
C ILE A 201 -6.77 -6.17 12.22
N ALA A 202 -7.40 -6.99 11.36
CA ALA A 202 -8.77 -7.51 11.53
C ALA A 202 -8.91 -8.35 12.80
N ILE A 203 -10.10 -8.31 13.41
CA ILE A 203 -10.47 -9.02 14.65
C ILE A 203 -10.05 -10.52 14.64
N GLU A 204 -10.13 -11.23 13.49
CA GLU A 204 -9.79 -12.66 13.43
C GLU A 204 -8.28 -12.91 13.37
N SER A 205 -7.51 -11.97 12.82
CA SER A 205 -6.05 -12.05 12.71
C SER A 205 -5.38 -11.73 14.05
N LEU A 206 -6.11 -11.03 14.94
CA LEU A 206 -5.63 -10.71 16.28
C LEU A 206 -5.90 -11.91 17.19
N ALA A 207 -7.00 -12.65 16.93
CA ALA A 207 -7.48 -13.77 17.73
C ALA A 207 -6.92 -15.16 17.36
N ASP A 208 -6.69 -15.43 16.07
CA ASP A 208 -6.22 -16.77 15.65
C ASP A 208 -5.25 -16.77 14.45
N ARG A 209 -4.47 -15.68 14.27
CA ARG A 209 -3.46 -15.51 13.21
C ARG A 209 -3.97 -15.67 11.76
N VAL A 210 -5.27 -16.01 11.56
CA VAL A 210 -5.97 -16.21 10.27
C VAL A 210 -5.94 -14.90 9.43
N TYR A 211 -5.32 -14.95 8.23
CA TYR A 211 -5.25 -13.80 7.33
C TYR A 211 -5.74 -14.15 5.92
N THR A 212 -6.82 -13.47 5.47
CA THR A 212 -7.45 -13.67 4.17
C THR A 212 -7.61 -12.33 3.42
N SER A 213 -8.30 -12.38 2.26
CA SER A 213 -8.61 -11.20 1.46
C SER A 213 -9.58 -10.29 2.24
N LYS A 214 -10.43 -10.89 3.09
CA LYS A 214 -11.38 -10.17 3.94
C LYS A 214 -10.66 -9.42 5.08
N SER A 215 -9.45 -9.88 5.45
CA SER A 215 -8.59 -9.20 6.42
C SER A 215 -8.00 -7.93 5.75
N ASP A 216 -7.64 -7.99 4.44
CA ASP A 216 -7.19 -6.80 3.69
C ASP A 216 -8.37 -5.79 3.56
N VAL A 217 -9.65 -6.32 3.40
CA VAL A 217 -10.86 -5.49 3.31
C VAL A 217 -10.99 -4.69 4.61
N TRP A 218 -10.74 -5.35 5.76
CA TRP A 218 -10.76 -4.68 7.07
C TRP A 218 -9.74 -3.53 7.09
N ALA A 219 -8.47 -3.80 6.73
CA ALA A 219 -7.41 -2.77 6.64
C ALA A 219 -7.81 -1.63 5.67
N PHE A 220 -8.52 -1.96 4.58
CA PHE A 220 -9.01 -0.96 3.64
C PHE A 220 -10.01 -0.01 4.31
N GLY A 221 -10.93 -0.54 5.11
CA GLY A 221 -11.89 0.27 5.86
C GLY A 221 -11.16 1.24 6.75
N VAL A 222 -10.14 0.73 7.49
CA VAL A 222 -9.29 1.55 8.36
C VAL A 222 -8.56 2.65 7.54
N THR A 223 -8.06 2.30 6.36
CA THR A 223 -7.38 3.23 5.47
C THR A 223 -8.35 4.32 4.99
N MET A 224 -9.59 3.95 4.59
CA MET A 224 -10.60 4.93 4.16
C MET A 224 -10.86 5.93 5.30
N TRP A 225 -10.92 5.43 6.56
CA TRP A 225 -11.13 6.27 7.75
C TRP A 225 -9.95 7.26 7.92
N GLU A 226 -8.69 6.79 7.76
CA GLU A 226 -7.50 7.67 7.81
C GLU A 226 -7.60 8.78 6.75
N ILE A 227 -8.10 8.47 5.53
CA ILE A 227 -8.21 9.46 4.44
C ILE A 227 -9.29 10.51 4.81
N ALA A 228 -10.44 10.03 5.27
CA ALA A 228 -11.57 10.87 5.66
C ALA A 228 -11.28 11.78 6.86
N THR A 229 -10.39 11.37 7.79
CA THR A 229 -9.99 12.21 8.96
C THR A 229 -8.77 13.03 8.55
N ARG A 230 -8.31 12.92 7.29
CA ARG A 230 -7.12 13.64 6.85
C ARG A 230 -5.84 13.27 7.70
N GLY A 231 -5.68 11.99 7.99
CA GLY A 231 -4.46 11.48 8.61
C GLY A 231 -4.47 11.19 10.09
N MET A 232 -5.64 11.18 10.72
CA MET A 232 -5.73 10.87 12.15
C MET A 232 -5.27 9.43 12.39
N THR A 233 -4.60 9.18 13.52
CA THR A 233 -4.24 7.81 13.93
C THR A 233 -5.57 7.11 14.32
N PRO A 234 -5.83 5.86 13.87
CA PRO A 234 -7.08 5.19 14.24
C PRO A 234 -7.28 5.02 15.76
N TYR A 235 -8.53 4.99 16.21
CA TYR A 235 -8.99 4.78 17.60
C TYR A 235 -8.32 5.78 18.58
N PRO A 236 -8.54 7.12 18.38
CA PRO A 236 -7.99 8.09 19.34
C PRO A 236 -8.47 7.77 20.75
N GLY A 237 -7.53 7.77 21.71
CA GLY A 237 -7.84 7.44 23.10
C GLY A 237 -7.74 5.97 23.43
N VAL A 238 -7.57 5.09 22.42
CA VAL A 238 -7.46 3.66 22.68
C VAL A 238 -6.01 3.20 22.52
N GLN A 239 -5.49 2.50 23.53
CA GLN A 239 -4.09 2.03 23.54
C GLN A 239 -3.99 0.71 22.77
N ASN A 240 -2.88 0.51 22.02
CA ASN A 240 -2.61 -0.69 21.21
C ASN A 240 -2.88 -2.01 21.95
N HIS A 241 -2.60 -2.09 23.27
CA HIS A 241 -2.84 -3.30 24.06
C HIS A 241 -4.33 -3.52 24.40
N GLU A 242 -5.15 -2.46 24.28
CA GLU A 242 -6.58 -2.50 24.58
C GLU A 242 -7.39 -2.83 23.31
N MET A 243 -6.72 -2.94 22.14
CA MET A 243 -7.37 -3.10 20.84
C MET A 243 -8.21 -4.38 20.65
N TYR A 244 -7.67 -5.56 21.04
CA TYR A 244 -8.42 -6.81 20.88
C TYR A 244 -9.69 -6.82 21.72
N ASP A 245 -9.58 -6.39 22.99
CA ASP A 245 -10.71 -6.31 23.89
C ASP A 245 -11.75 -5.30 23.38
N TYR A 246 -11.27 -4.17 22.84
CA TYR A 246 -12.12 -3.10 22.32
C TYR A 246 -13.00 -3.58 21.14
N LEU A 247 -12.37 -4.26 20.17
CA LEU A 247 -13.08 -4.81 19.00
C LEU A 247 -14.01 -5.95 19.41
N LEU A 248 -13.55 -6.86 20.30
CA LEU A 248 -14.29 -8.03 20.79
C LEU A 248 -15.62 -7.63 21.41
N HIS A 249 -15.66 -6.47 22.10
CA HIS A 249 -16.86 -5.90 22.71
C HIS A 249 -17.76 -5.14 21.71
N GLY A 250 -17.44 -5.25 20.41
CA GLY A 250 -18.23 -4.66 19.33
C GLY A 250 -17.95 -3.23 18.92
N HIS A 251 -16.95 -2.58 19.51
CA HIS A 251 -16.64 -1.19 19.15
C HIS A 251 -15.84 -1.14 17.87
N ARG A 252 -16.05 -0.08 17.09
CA ARG A 252 -15.40 0.15 15.79
C ARG A 252 -15.04 1.63 15.68
N LEU A 253 -14.28 2.01 14.62
CA LEU A 253 -13.89 3.41 14.38
C LEU A 253 -15.11 4.30 14.29
N LYS A 254 -15.04 5.47 14.90
CA LYS A 254 -16.19 6.37 14.91
C LYS A 254 -16.33 7.12 13.61
N GLN A 255 -17.52 7.63 13.30
CA GLN A 255 -17.73 8.39 12.09
C GLN A 255 -17.00 9.73 12.12
N PRO A 256 -16.16 10.02 11.13
CA PRO A 256 -15.48 11.34 11.09
C PRO A 256 -16.47 12.48 10.82
N GLU A 257 -16.17 13.69 11.29
CA GLU A 257 -17.02 14.89 11.17
C GLU A 257 -17.32 15.22 9.71
N ASP A 258 -16.29 15.26 8.85
CA ASP A 258 -16.46 15.53 7.42
C ASP A 258 -16.43 14.18 6.67
N CYS A 259 -17.60 13.49 6.72
CA CYS A 259 -17.86 12.17 6.13
C CYS A 259 -19.36 11.95 5.94
N LEU A 260 -19.75 11.62 4.71
CA LEU A 260 -21.14 11.32 4.34
C LEU A 260 -21.58 10.04 5.03
N ASP A 261 -22.87 9.91 5.29
CA ASP A 261 -23.40 8.72 5.95
C ASP A 261 -23.20 7.49 5.05
N GLU A 262 -23.31 7.70 3.73
CA GLU A 262 -23.17 6.66 2.71
C GLU A 262 -21.72 6.17 2.75
N LEU A 263 -20.74 7.08 2.92
CA LEU A 263 -19.33 6.67 2.97
C LEU A 263 -19.04 5.87 4.25
N TYR A 264 -19.59 6.34 5.38
CA TYR A 264 -19.38 5.69 6.67
C TYR A 264 -19.91 4.25 6.70
N GLU A 265 -21.10 4.04 6.10
CA GLU A 265 -21.71 2.72 5.98
C GLU A 265 -20.76 1.78 5.19
N ILE A 266 -20.16 2.31 4.11
CA ILE A 266 -19.22 1.58 3.27
C ILE A 266 -18.01 1.19 4.14
N MET A 267 -17.36 2.14 4.85
CA MET A 267 -16.19 1.76 5.65
C MET A 267 -16.56 0.84 6.83
N TYR A 268 -17.75 1.01 7.39
CA TYR A 268 -18.23 0.16 8.48
C TYR A 268 -18.48 -1.27 8.00
N SER A 269 -18.93 -1.45 6.75
CA SER A 269 -19.18 -2.80 6.21
C SER A 269 -17.85 -3.60 6.16
N CYS A 270 -16.71 -2.89 6.23
CA CYS A 270 -15.38 -3.52 6.16
C CYS A 270 -15.02 -4.19 7.48
N TRP A 271 -15.68 -3.77 8.56
CA TRP A 271 -15.38 -4.24 9.91
C TRP A 271 -16.43 -5.16 10.52
N ARG A 272 -17.29 -5.75 9.71
CA ARG A 272 -18.30 -6.72 10.17
C ARG A 272 -17.54 -7.89 10.80
N THR A 273 -18.00 -8.36 11.96
CA THR A 273 -17.33 -9.39 12.76
C THR A 273 -16.97 -10.61 11.94
N ASP A 274 -17.92 -11.16 11.20
CA ASP A 274 -17.68 -12.33 10.39
C ASP A 274 -17.09 -11.91 9.07
N PRO A 275 -15.85 -12.39 8.78
CA PRO A 275 -15.21 -12.06 7.50
C PRO A 275 -16.04 -12.34 6.26
N LEU A 276 -16.95 -13.35 6.30
CA LEU A 276 -17.77 -13.70 5.14
C LEU A 276 -18.82 -12.65 4.82
N ASP A 277 -19.24 -11.88 5.83
CA ASP A 277 -20.22 -10.81 5.66
C ASP A 277 -19.61 -9.53 5.09
N ARG A 278 -18.28 -9.40 5.11
CA ARG A 278 -17.62 -8.21 4.59
C ARG A 278 -17.72 -8.21 3.04
N PRO A 279 -17.91 -7.04 2.39
CA PRO A 279 -17.95 -7.06 0.91
C PRO A 279 -16.55 -7.33 0.29
N THR A 280 -16.52 -7.73 -0.99
CA THR A 280 -15.25 -7.92 -1.69
C THR A 280 -14.75 -6.53 -2.11
N PHE A 281 -13.49 -6.46 -2.60
CA PHE A 281 -12.96 -5.21 -3.12
C PHE A 281 -13.71 -4.74 -4.33
N SER A 282 -14.17 -5.68 -5.18
CA SER A 282 -15.00 -5.37 -6.34
C SER A 282 -16.30 -4.65 -5.96
N VAL A 283 -17.01 -5.16 -4.95
CA VAL A 283 -18.25 -4.56 -4.46
C VAL A 283 -17.99 -3.19 -3.88
N LEU A 284 -16.98 -3.07 -3.04
CA LEU A 284 -16.59 -1.78 -2.43
C LEU A 284 -16.23 -0.75 -3.46
N ARG A 285 -15.47 -1.14 -4.47
CA ARG A 285 -15.04 -0.27 -5.53
C ARG A 285 -16.23 0.35 -6.26
N LEU A 286 -17.22 -0.49 -6.59
CA LEU A 286 -18.44 -0.08 -7.29
C LEU A 286 -19.25 0.86 -6.41
N GLN A 287 -19.37 0.59 -5.09
CA GLN A 287 -20.09 1.50 -4.18
C GLN A 287 -19.35 2.85 -4.09
N LEU A 288 -18.03 2.83 -4.00
CA LEU A 288 -17.25 4.08 -3.93
C LEU A 288 -17.36 4.89 -5.23
N GLU A 289 -17.32 4.23 -6.39
CA GLU A 289 -17.46 4.87 -7.70
C GLU A 289 -18.82 5.51 -7.89
N ARG A 290 -19.88 4.83 -7.46
CA ARG A 290 -21.25 5.31 -7.53
C ARG A 290 -21.43 6.55 -6.64
N LEU A 291 -20.93 6.49 -5.38
CA LEU A 291 -20.98 7.63 -4.47
C LEU A 291 -20.22 8.83 -5.08
N LEU A 292 -19.04 8.58 -5.67
CA LEU A 292 -18.25 9.63 -6.28
C LEU A 292 -19.03 10.29 -7.44
N GLU A 293 -19.57 9.47 -8.36
CA GLU A 293 -20.38 9.94 -9.48
C GLU A 293 -21.59 10.76 -9.02
N SER A 294 -22.20 10.41 -7.87
CA SER A 294 -23.33 11.12 -7.27
C SER A 294 -22.96 12.54 -6.75
N LEU A 295 -21.66 12.87 -6.65
CA LEU A 295 -21.20 14.18 -6.17
C LEU A 295 -20.95 15.17 -7.33
N PRO A 296 -21.43 16.44 -7.20
CA PRO A 296 -21.22 17.41 -8.30
C PRO A 296 -19.82 18.00 -8.33
C1 S4Z B . 8.46 8.79 3.92
C2 S4Z B . 8.44 7.45 3.22
C3 S4Z B . 9.42 6.75 2.56
C7 S4Z B . 7.17 1.97 2.38
C8 S4Z B . 7.67 2.94 1.27
C9 S4Z B . 6.39 2.54 0.47
C10 S4Z B . 9.13 2.92 0.74
C11 S4Z B . 8.85 3.43 -1.63
C12 S4Z B . 8.92 4.46 -2.70
C13 S4Z B . 8.75 4.20 -4.04
C14 S4Z B . 9.07 6.40 -3.92
C15 S4Z B . 9.14 5.89 -2.60
C16 S4Z B . 9.36 6.80 -1.57
C19 S4Z B . 10.84 7.18 2.35
F2 S4Z B . 11.66 6.64 3.25
F S4Z B . 10.99 8.52 2.45
F1 S4Z B . 11.32 6.83 1.15
N1 S4Z B . 9.05 5.50 2.09
C4 S4Z B . 7.78 5.27 2.35
S S4Z B . 6.95 6.55 3.22
O S4Z B . 9.38 8.98 4.73
N S4Z B . 7.56 9.72 3.63
C S4Z B . 7.55 11.01 4.30
N2 S4Z B . 7.12 4.14 1.99
C6 S4Z B . 5.79 2.42 1.87
C5 S4Z B . 5.71 3.89 2.32
N3 S4Z B . 9.23 3.80 -0.40
O1 S4Z B . 8.43 2.29 -1.88
C17 S4Z B . 9.52 8.14 -1.91
CL S4Z B . 9.81 9.32 -0.66
C18 S4Z B . 9.46 8.54 -3.26
N5 S4Z B . 9.24 7.68 -4.28
N4 S4Z B . 8.84 5.36 -4.77
#